data_9BHR
#
_entry.id   9BHR
#
_cell.length_a   48.769
_cell.length_b   87.869
_cell.length_c   73.243
_cell.angle_alpha   90.00
_cell.angle_beta   97.44
_cell.angle_gamma   90.00
#
_symmetry.space_group_name_H-M   'P 1 21 1'
#
loop_
_entity.id
_entity.type
_entity.pdbx_description
1 polymer 'DDB1- and CUL4-associated factor 1'
2 non-polymer (4P)-N-[(1S)-3-amino-1-(3-chloro-4-fluorophenyl)-3-oxopropyl]-4-(4-chloro-2-fluorophenyl)-5-{(1E)-3-[(2-methoxyethyl)amino]-3-oxoprop-1-en-1-yl}-1H-pyrrole-3-carboxamide
3 water water
#
_entity_poly.entity_id   1
_entity_poly.type   'polypeptide(L)'
_entity_poly.pdbx_seq_one_letter_code
;GASAFRPISVFREANEDESGFTCCAFSARERFLMLGTCTGQLKLYNVFSGQEEASYNCHNSAITHLEPSRDGSLLLTSAT
WSQPLSALWGMKSVFDMKHSFTEDHYVEFSKHSQDRVIGTKGDIAHIYDIQTGNKLLTLFNPDLANNYKRNCATFNPTDD
LVLNDGVLWDVRSAQAIHKFDKFNMNISGVFHPNGLEVIINTEIWDLRTFHLLHTVPALDQCRVVFNHTGTVMYGAMLQA
DDEDDLMEERMKSPFGSSFRTFNATDYKPIATIDVKRNIFDLCTDTKDCYLAVIENQGSMDALNMDTVCRLYEVG
;
_entity_poly.pdbx_strand_id   A,B
#
loop_
_chem_comp.id
_chem_comp.type
_chem_comp.name
_chem_comp.formula
A1API non-polymer (4P)-N-[(1S)-3-amino-1-(3-chloro-4-fluorophenyl)-3-oxopropyl]-4-(4-chloro-2-fluorophenyl)-5-{(1E)-3-[(2-methoxyethyl)amino]-3-oxoprop-1-en-1-yl}-1H-pyrrole-3-carboxamide 'C26 H24 Cl2 F2 N4 O4'
#
# COMPACT_ATOMS: atom_id res chain seq x y z
N ALA A 4 16.79 4.46 3.17
CA ALA A 4 17.72 3.42 3.67
C ALA A 4 16.95 2.13 3.99
N PHE A 5 17.67 1.16 4.54
CA PHE A 5 17.05 0.02 5.20
C PHE A 5 17.49 0.00 6.66
N ARG A 6 16.75 0.72 7.49
CA ARG A 6 17.11 0.87 8.89
C ARG A 6 16.61 -0.34 9.67
N PRO A 7 17.49 -1.09 10.37
CA PRO A 7 17.04 -2.17 11.24
C PRO A 7 16.04 -1.66 12.28
N ILE A 8 14.99 -2.45 12.50
CA ILE A 8 13.92 -2.11 13.42
C ILE A 8 13.90 -3.12 14.56
N SER A 9 14.02 -4.41 14.23
CA SER A 9 14.01 -5.43 15.26
CA SER A 9 13.84 -5.49 15.19
C SER A 9 14.61 -6.73 14.71
N VAL A 10 14.91 -7.64 15.63
CA VAL A 10 15.49 -8.92 15.28
C VAL A 10 14.92 -9.96 16.24
N PHE A 11 14.70 -11.18 15.73
CA PHE A 11 14.35 -12.27 16.61
C PHE A 11 14.79 -13.60 16.01
N ARG A 12 14.73 -14.63 16.85
CA ARG A 12 15.18 -15.96 16.47
C ARG A 12 14.10 -16.94 16.88
N GLU A 13 14.26 -18.20 16.45
CA GLU A 13 13.34 -19.26 16.87
C GLU A 13 13.51 -19.48 18.37
N ALA A 14 12.46 -19.15 19.13
CA ALA A 14 12.54 -19.05 20.58
C ALA A 14 12.87 -20.40 21.20
N ASN A 15 13.84 -20.40 22.12
CA ASN A 15 14.14 -21.52 22.99
C ASN A 15 14.79 -22.68 22.22
N GLU A 16 15.22 -22.45 20.98
CA GLU A 16 15.95 -23.44 20.22
C GLU A 16 17.45 -23.12 20.27
N ASP A 17 18.26 -24.15 20.51
CA ASP A 17 19.71 -24.01 20.48
C ASP A 17 20.14 -23.41 19.16
N GLU A 18 19.64 -24.02 18.07
CA GLU A 18 19.91 -23.54 16.72
C GLU A 18 18.58 -23.07 16.12
N SER A 19 18.52 -21.77 15.80
CA SER A 19 17.33 -21.20 15.21
C SER A 19 17.25 -21.64 13.75
N GLY A 20 16.08 -22.12 13.34
CA GLY A 20 15.96 -22.78 12.06
C GLY A 20 14.97 -22.12 11.10
N PHE A 21 14.72 -20.81 11.23
CA PHE A 21 13.87 -20.13 10.28
C PHE A 21 14.45 -20.28 8.87
N THR A 22 13.59 -20.60 7.89
CA THR A 22 14.01 -20.77 6.52
C THR A 22 13.27 -19.87 5.53
N CYS A 23 12.07 -19.41 5.86
CA CYS A 23 11.28 -18.64 4.93
C CYS A 23 10.25 -17.84 5.70
N CYS A 24 9.65 -16.86 5.04
CA CYS A 24 8.73 -16.00 5.76
C CYS A 24 7.73 -15.32 4.83
N ALA A 25 6.60 -14.96 5.42
CA ALA A 25 5.55 -14.20 4.77
C ALA A 25 4.74 -13.50 5.85
N PHE A 26 4.34 -12.26 5.61
CA PHE A 26 3.44 -11.59 6.53
C PHE A 26 2.06 -12.25 6.44
N SER A 27 1.41 -12.42 7.60
CA SER A 27 0.03 -12.90 7.65
C SER A 27 -0.92 -11.74 7.35
N ALA A 28 -2.22 -12.02 7.43
CA ALA A 28 -3.24 -10.98 7.33
C ALA A 28 -3.14 -10.00 8.51
N ARG A 29 -2.85 -10.51 9.71
CA ARG A 29 -2.72 -9.68 10.91
C ARG A 29 -1.42 -8.88 10.85
N GLU A 30 -1.54 -7.54 10.93
CA GLU A 30 -0.47 -6.61 10.59
C GLU A 30 0.89 -7.00 11.17
N ARG A 31 0.94 -7.22 12.50
CA ARG A 31 2.19 -7.34 13.23
C ARG A 31 2.68 -8.79 13.30
N PHE A 32 2.09 -9.69 12.51
CA PHE A 32 2.38 -11.12 12.63
C PHE A 32 2.98 -11.69 11.36
N LEU A 33 4.12 -12.35 11.53
CA LEU A 33 4.87 -12.97 10.47
C LEU A 33 4.75 -14.48 10.61
N MET A 34 4.57 -15.15 9.45
CA MET A 34 4.60 -16.59 9.37
C MET A 34 5.98 -17.00 8.90
N LEU A 35 6.59 -17.96 9.61
CA LEU A 35 7.92 -18.41 9.28
C LEU A 35 7.90 -19.94 9.18
N GLY A 36 8.51 -20.44 8.11
CA GLY A 36 8.79 -21.86 8.04
C GLY A 36 10.16 -22.17 8.63
N THR A 37 10.33 -23.43 9.06
CA THR A 37 11.57 -23.81 9.72
C THR A 37 12.19 -25.02 9.04
N CYS A 38 13.44 -25.26 9.41
CA CYS A 38 14.19 -26.33 8.81
C CYS A 38 13.75 -27.70 9.34
N THR A 39 12.88 -27.74 10.37
CA THR A 39 12.33 -29.00 10.85
C THR A 39 10.89 -29.22 10.36
N GLY A 40 10.42 -28.33 9.48
CA GLY A 40 9.15 -28.53 8.80
C GLY A 40 7.96 -27.90 9.52
N GLN A 41 8.21 -26.98 10.45
CA GLN A 41 7.13 -26.35 11.18
C GLN A 41 6.84 -24.96 10.63
N LEU A 42 5.60 -24.51 10.88
CA LEU A 42 5.15 -23.16 10.61
C LEU A 42 5.02 -22.45 11.94
N LYS A 43 5.67 -21.28 12.08
CA LYS A 43 5.57 -20.51 13.31
C LYS A 43 4.92 -19.18 13.00
N LEU A 44 4.13 -18.68 13.96
CA LEU A 44 3.59 -17.32 13.90
C LEU A 44 4.30 -16.50 14.96
N TYR A 45 4.89 -15.38 14.54
CA TYR A 45 5.62 -14.49 15.44
C TYR A 45 5.06 -13.09 15.38
N ASN A 46 5.07 -12.39 16.52
CA ASN A 46 4.99 -10.93 16.58
C ASN A 46 6.34 -10.33 16.20
N VAL A 47 6.40 -9.55 15.10
CA VAL A 47 7.66 -9.11 14.51
C VAL A 47 8.37 -8.06 15.37
N PHE A 48 7.59 -7.37 16.19
CA PHE A 48 8.11 -6.28 17.02
C PHE A 48 8.58 -6.80 18.37
N SER A 49 7.75 -7.60 19.04
CA SER A 49 8.13 -8.21 20.31
C SER A 49 9.11 -9.36 20.07
N GLY A 50 9.04 -9.98 18.88
CA GLY A 50 9.90 -11.09 18.55
C GLY A 50 9.47 -12.39 19.23
N GLN A 51 8.23 -12.42 19.76
CA GLN A 51 7.78 -13.55 20.54
C GLN A 51 6.93 -14.48 19.67
N GLU A 52 7.11 -15.78 19.89
CA GLU A 52 6.32 -16.79 19.21
C GLU A 52 4.90 -16.81 19.76
N GLU A 53 3.91 -16.96 18.87
CA GLU A 53 2.51 -17.03 19.27
C GLU A 53 1.99 -18.47 19.12
N ALA A 54 2.30 -19.07 17.96
CA ALA A 54 1.78 -20.38 17.64
C ALA A 54 2.73 -21.14 16.74
N SER A 55 2.56 -22.47 16.74
CA SER A 55 3.36 -23.39 15.95
C SER A 55 2.47 -24.50 15.41
N TYR A 56 2.73 -24.90 14.16
CA TYR A 56 1.98 -25.93 13.48
C TYR A 56 2.95 -26.83 12.73
N ASN A 57 2.60 -28.12 12.65
CA ASN A 57 3.45 -29.09 11.97
C ASN A 57 2.97 -29.24 10.53
N CYS A 58 3.90 -29.06 9.58
CA CYS A 58 3.57 -29.08 8.16
C CYS A 58 4.25 -30.23 7.43
N HIS A 59 5.57 -30.36 7.56
CA HIS A 59 6.34 -31.32 6.80
C HIS A 59 7.40 -31.98 7.67
N ASN A 60 7.92 -33.12 7.21
CA ASN A 60 8.97 -33.85 7.92
C ASN A 60 10.35 -33.45 7.39
N SER A 61 10.44 -32.36 6.64
CA SER A 61 11.71 -31.81 6.18
C SER A 61 11.59 -30.29 6.13
N ALA A 62 12.72 -29.62 5.87
CA ALA A 62 12.79 -28.17 5.87
C ALA A 62 11.78 -27.55 4.91
N ILE A 63 11.05 -26.53 5.41
CA ILE A 63 10.23 -25.70 4.53
C ILE A 63 11.14 -24.80 3.71
N THR A 64 10.94 -24.79 2.39
CA THR A 64 11.74 -23.95 1.52
C THR A 64 11.05 -22.63 1.23
N HIS A 65 9.71 -22.62 1.21
CA HIS A 65 8.96 -21.47 0.73
C HIS A 65 7.52 -21.57 1.21
N LEU A 66 6.88 -20.44 1.46
CA LEU A 66 5.47 -20.45 1.81
C LEU A 66 4.78 -19.20 1.28
N GLU A 67 3.47 -19.30 1.10
CA GLU A 67 2.67 -18.21 0.54
C GLU A 67 1.28 -18.29 1.13
N PRO A 68 0.88 -17.31 1.94
CA PRO A 68 -0.51 -17.21 2.40
C PRO A 68 -1.39 -16.60 1.32
N SER A 69 -2.64 -17.04 1.25
CA SER A 69 -3.63 -16.38 0.41
C SER A 69 -3.91 -15.00 0.99
N ARG A 70 -4.37 -14.10 0.12
CA ARG A 70 -4.64 -12.72 0.49
C ARG A 70 -5.77 -12.64 1.53
N ASP A 71 -6.74 -13.56 1.43
CA ASP A 71 -7.91 -13.54 2.28
C ASP A 71 -7.62 -14.21 3.62
N GLY A 72 -6.46 -14.84 3.79
CA GLY A 72 -6.02 -15.40 5.06
C GLY A 72 -6.57 -16.80 5.33
N SER A 73 -7.28 -17.39 4.35
CA SER A 73 -7.95 -18.66 4.57
C SER A 73 -7.04 -19.84 4.26
N LEU A 74 -6.01 -19.60 3.42
CA LEU A 74 -5.19 -20.68 2.88
C LEU A 74 -3.71 -20.33 2.94
N LEU A 75 -2.89 -21.40 2.94
CA LEU A 75 -1.45 -21.28 2.94
C LEU A 75 -0.87 -22.37 2.05
N LEU A 76 0.08 -21.99 1.20
CA LEU A 76 0.87 -22.96 0.46
C LEU A 76 2.24 -23.11 1.14
N THR A 77 2.71 -24.35 1.24
CA THR A 77 4.06 -24.63 1.71
C THR A 77 4.74 -25.59 0.74
N SER A 78 6.08 -25.48 0.68
CA SER A 78 6.93 -26.41 -0.04
C SER A 78 8.07 -26.83 0.89
N ALA A 79 8.48 -28.09 0.78
CA ALA A 79 9.54 -28.64 1.60
C ALA A 79 10.65 -29.23 0.73
N THR A 80 11.66 -29.82 1.38
N THR A 80 11.69 -29.81 1.36
CA THR A 80 12.90 -30.19 0.72
CA THR A 80 12.90 -30.19 0.66
C THR A 80 12.84 -31.62 0.19
C THR A 80 12.81 -31.63 0.17
N TRP A 81 12.43 -32.58 1.04
CA TRP A 81 12.42 -33.98 0.63
C TRP A 81 11.25 -34.77 1.20
N SER A 82 10.20 -34.08 1.61
CA SER A 82 9.00 -34.74 2.10
C SER A 82 8.20 -35.29 0.92
N GLN A 83 7.29 -36.22 1.23
CA GLN A 83 6.25 -36.63 0.31
C GLN A 83 4.93 -36.47 1.06
N PRO A 84 4.07 -35.49 0.73
CA PRO A 84 4.23 -34.62 -0.44
C PRO A 84 5.23 -33.47 -0.25
N LEU A 85 5.77 -32.98 -1.38
CA LEU A 85 6.76 -31.92 -1.36
C LEU A 85 6.10 -30.57 -1.10
N SER A 86 4.86 -30.40 -1.57
CA SER A 86 4.14 -29.14 -1.38
C SER A 86 2.72 -29.46 -0.93
N ALA A 87 2.10 -28.51 -0.23
CA ALA A 87 0.76 -28.73 0.30
C ALA A 87 0.02 -27.40 0.44
N LEU A 88 -1.31 -27.52 0.49
CA LEU A 88 -2.22 -26.42 0.72
C LEU A 88 -2.92 -26.65 2.06
N TRP A 89 -2.88 -25.63 2.92
CA TRP A 89 -3.44 -25.71 4.25
C TRP A 89 -4.58 -24.72 4.40
N GLY A 90 -5.62 -25.17 5.11
CA GLY A 90 -6.70 -24.31 5.56
C GLY A 90 -6.34 -23.70 6.90
N MET A 91 -6.66 -22.42 7.08
CA MET A 91 -6.30 -21.74 8.30
C MET A 91 -7.51 -21.13 9.02
N LYS A 92 -8.74 -21.48 8.60
CA LYS A 92 -9.94 -21.09 9.32
C LYS A 92 -10.38 -22.23 10.23
N SER A 93 -10.85 -21.88 11.44
CA SER A 93 -11.31 -22.85 12.43
C SER A 93 -10.16 -23.69 12.97
N VAL A 94 -9.61 -24.60 12.15
CA VAL A 94 -8.49 -25.43 12.56
C VAL A 94 -7.47 -25.45 11.42
N PHE A 95 -6.17 -25.52 11.78
CA PHE A 95 -5.14 -25.65 10.77
C PHE A 95 -5.12 -27.09 10.26
N ASP A 96 -5.35 -27.29 8.95
CA ASP A 96 -5.51 -28.63 8.42
C ASP A 96 -5.03 -28.66 6.98
N MET A 97 -4.52 -29.82 6.55
CA MET A 97 -4.11 -29.95 5.16
C MET A 97 -5.35 -30.16 4.30
N LYS A 98 -5.49 -29.33 3.25
CA LYS A 98 -6.62 -29.42 2.35
C LYS A 98 -6.26 -30.37 1.20
N HIS A 99 -5.13 -30.08 0.54
CA HIS A 99 -4.67 -30.83 -0.60
C HIS A 99 -3.16 -30.86 -0.61
N SER A 100 -2.59 -31.84 -1.29
CA SER A 100 -1.15 -31.80 -1.49
C SER A 100 -0.81 -32.03 -2.95
N PHE A 101 0.45 -31.69 -3.26
CA PHE A 101 0.99 -31.70 -4.60
C PHE A 101 2.29 -32.51 -4.52
N THR A 102 2.18 -33.79 -4.81
CA THR A 102 3.15 -34.80 -4.40
C THR A 102 4.58 -34.40 -4.76
N GLU A 103 4.91 -34.18 -6.04
CA GLU A 103 6.29 -34.00 -6.42
C GLU A 103 6.62 -32.56 -6.83
N ASP A 104 5.67 -31.63 -6.69
CA ASP A 104 5.94 -30.24 -7.03
C ASP A 104 6.78 -29.60 -5.93
N HIS A 105 7.96 -29.07 -6.27
CA HIS A 105 8.86 -28.53 -5.27
C HIS A 105 8.62 -27.03 -5.04
N TYR A 106 7.80 -26.41 -5.91
N TYR A 106 7.84 -26.39 -5.91
CA TYR A 106 7.44 -25.01 -5.80
CA TYR A 106 7.45 -24.99 -5.78
C TYR A 106 5.96 -24.88 -6.18
C TYR A 106 5.98 -24.86 -6.18
N VAL A 107 5.24 -24.04 -5.44
CA VAL A 107 3.83 -23.78 -5.68
C VAL A 107 3.56 -22.29 -5.45
N GLU A 108 2.60 -21.76 -6.21
CA GLU A 108 2.12 -20.40 -6.09
C GLU A 108 0.61 -20.39 -6.31
N PHE A 109 -0.10 -19.44 -5.69
CA PHE A 109 -1.47 -19.17 -6.03
C PHE A 109 -1.57 -18.42 -7.35
N SER A 110 -2.72 -18.56 -8.00
CA SER A 110 -3.14 -17.62 -9.03
C SER A 110 -3.27 -16.24 -8.40
N LYS A 111 -3.31 -15.19 -9.20
CA LYS A 111 -3.09 -13.84 -8.68
C LYS A 111 -4.37 -13.04 -8.50
N HIS A 112 -5.25 -13.01 -9.50
CA HIS A 112 -6.40 -12.11 -9.47
C HIS A 112 -7.49 -12.72 -8.60
N SER A 113 -7.85 -13.95 -8.96
CA SER A 113 -8.71 -14.79 -8.17
C SER A 113 -7.87 -15.98 -7.73
N GLN A 114 -7.79 -16.20 -6.41
CA GLN A 114 -6.89 -17.22 -5.87
C GLN A 114 -7.65 -18.55 -5.72
N ASP A 115 -8.10 -19.07 -6.87
CA ASP A 115 -8.87 -20.30 -6.94
C ASP A 115 -8.03 -21.45 -7.52
N ARG A 116 -6.78 -21.16 -7.89
N ARG A 116 -6.78 -21.18 -7.91
CA ARG A 116 -5.91 -22.18 -8.46
CA ARG A 116 -5.93 -22.21 -8.46
C ARG A 116 -4.53 -22.14 -7.81
C ARG A 116 -4.54 -22.13 -7.86
N VAL A 117 -3.84 -23.26 -7.89
CA VAL A 117 -2.44 -23.38 -7.51
C VAL A 117 -1.67 -23.81 -8.75
N ILE A 118 -0.51 -23.19 -8.97
CA ILE A 118 0.40 -23.66 -10.00
C ILE A 118 1.66 -24.20 -9.33
N GLY A 119 1.97 -25.45 -9.63
CA GLY A 119 3.13 -26.12 -9.10
C GLY A 119 4.16 -26.38 -10.19
N THR A 120 5.42 -26.45 -9.78
CA THR A 120 6.52 -26.72 -10.68
C THR A 120 7.21 -28.01 -10.24
N LYS A 121 7.48 -28.88 -11.22
CA LYS A 121 8.38 -30.00 -11.02
C LYS A 121 9.36 -29.99 -12.20
N GLY A 122 10.61 -29.59 -11.94
CA GLY A 122 11.57 -29.43 -13.02
C GLY A 122 11.03 -28.47 -14.08
N ASP A 123 10.98 -28.94 -15.34
CA ASP A 123 10.57 -28.14 -16.47
C ASP A 123 9.06 -28.11 -16.64
N ILE A 124 8.30 -28.77 -15.75
CA ILE A 124 6.90 -29.03 -15.95
C ILE A 124 6.08 -28.17 -14.99
N ALA A 125 4.97 -27.56 -15.47
CA ALA A 125 4.01 -26.93 -14.58
C ALA A 125 2.75 -27.79 -14.49
N HIS A 126 2.16 -27.76 -13.30
CA HIS A 126 0.89 -28.39 -13.00
C HIS A 126 -0.04 -27.33 -12.43
N ILE A 127 -1.27 -27.23 -12.97
CA ILE A 127 -2.29 -26.35 -12.41
C ILE A 127 -3.35 -27.21 -11.71
N TYR A 128 -3.70 -26.79 -10.48
CA TYR A 128 -4.65 -27.51 -9.65
C TYR A 128 -5.79 -26.57 -9.25
N ASP A 129 -6.96 -27.17 -9.07
CA ASP A 129 -8.13 -26.50 -8.53
C ASP A 129 -8.04 -26.53 -7.02
N ILE A 130 -8.24 -25.37 -6.37
CA ILE A 130 -8.20 -25.34 -4.92
C ILE A 130 -9.39 -26.09 -4.32
N GLN A 131 -10.55 -26.07 -4.97
CA GLN A 131 -11.76 -26.66 -4.40
C GLN A 131 -11.60 -28.18 -4.30
N THR A 132 -11.19 -28.82 -5.40
CA THR A 132 -11.16 -30.26 -5.50
C THR A 132 -9.76 -30.81 -5.26
N GLY A 133 -8.73 -29.97 -5.44
CA GLY A 133 -7.35 -30.43 -5.45
C GLY A 133 -6.95 -31.09 -6.77
N ASN A 134 -7.89 -31.17 -7.73
CA ASN A 134 -7.66 -31.89 -8.97
C ASN A 134 -6.63 -31.16 -9.83
N LYS A 135 -5.75 -31.94 -10.46
CA LYS A 135 -4.83 -31.42 -11.46
C LYS A 135 -5.63 -31.13 -12.73
N LEU A 136 -5.73 -29.85 -13.09
CA LEU A 136 -6.50 -29.41 -14.25
C LEU A 136 -5.65 -29.53 -15.52
N LEU A 137 -4.38 -29.13 -15.44
CA LEU A 137 -3.52 -29.03 -16.61
C LEU A 137 -2.10 -29.42 -16.24
N THR A 138 -1.40 -30.02 -17.22
CA THR A 138 0.03 -30.21 -17.20
C THR A 138 0.57 -29.42 -18.38
N LEU A 139 1.53 -28.51 -18.11
CA LEU A 139 2.09 -27.66 -19.15
C LEU A 139 3.54 -28.07 -19.40
N PHE A 140 3.76 -28.70 -20.56
CA PHE A 140 5.09 -29.04 -21.02
C PHE A 140 5.01 -29.27 -22.52
N ASN A 141 5.89 -28.58 -23.26
CA ASN A 141 5.97 -28.71 -24.71
C ASN A 141 7.42 -29.02 -25.04
N PRO A 142 7.73 -30.24 -25.54
CA PRO A 142 9.12 -30.63 -25.81
C PRO A 142 9.80 -29.76 -26.87
N ASP A 143 9.03 -29.22 -27.81
CA ASP A 143 9.56 -28.35 -28.86
C ASP A 143 9.98 -26.98 -28.35
N LEU A 144 9.36 -26.48 -27.27
CA LEU A 144 9.57 -25.09 -26.86
C LEU A 144 10.33 -24.96 -25.54
N ALA A 145 10.72 -26.07 -24.93
CA ALA A 145 11.28 -26.02 -23.58
C ALA A 145 12.63 -25.32 -23.60
N ASN A 146 12.91 -24.57 -22.53
CA ASN A 146 14.21 -24.00 -22.28
C ASN A 146 15.02 -24.83 -21.30
N ASN A 147 14.37 -25.70 -20.51
CA ASN A 147 15.09 -26.53 -19.54
C ASN A 147 15.86 -25.70 -18.52
N TYR A 148 15.27 -24.58 -18.08
CA TYR A 148 15.86 -23.77 -17.01
C TYR A 148 16.00 -24.59 -15.72
N LYS A 149 17.20 -24.55 -15.13
CA LYS A 149 17.52 -25.43 -14.00
CA LYS A 149 17.54 -25.41 -14.00
C LYS A 149 16.78 -24.99 -12.74
N ARG A 150 16.43 -23.71 -12.66
CA ARG A 150 15.71 -23.19 -11.51
C ARG A 150 14.34 -22.67 -11.92
N ASN A 151 13.70 -23.39 -12.85
CA ASN A 151 12.39 -23.03 -13.34
C ASN A 151 11.39 -22.92 -12.19
N CYS A 152 10.48 -21.93 -12.30
N CYS A 152 10.57 -21.87 -12.25
CA CYS A 152 9.40 -21.72 -11.35
CA CYS A 152 9.39 -21.69 -11.42
C CYS A 152 8.21 -21.11 -12.09
C CYS A 152 8.26 -21.16 -12.29
N ALA A 153 7.19 -21.92 -12.36
CA ALA A 153 6.02 -21.52 -13.14
C ALA A 153 5.15 -20.55 -12.35
N THR A 154 4.50 -19.63 -13.08
CA THR A 154 3.77 -18.54 -12.44
C THR A 154 2.62 -18.07 -13.34
N PHE A 155 1.54 -17.62 -12.70
CA PHE A 155 0.44 -16.95 -13.39
C PHE A 155 0.76 -15.47 -13.58
N ASN A 156 0.15 -14.85 -14.61
CA ASN A 156 0.21 -13.42 -14.78
C ASN A 156 -0.85 -12.76 -13.91
N PRO A 157 -0.91 -11.41 -13.83
CA PRO A 157 -1.84 -10.74 -12.91
C PRO A 157 -3.33 -11.00 -13.10
N THR A 158 -3.76 -11.36 -14.32
CA THR A 158 -5.16 -11.60 -14.60
C THR A 158 -5.45 -13.10 -14.74
N ASP A 159 -4.42 -13.94 -14.52
CA ASP A 159 -4.59 -15.39 -14.42
C ASP A 159 -4.85 -16.04 -15.77
N ASP A 160 -4.77 -15.29 -16.87
CA ASP A 160 -5.08 -15.84 -18.18
C ASP A 160 -3.85 -16.44 -18.85
N LEU A 161 -2.65 -16.07 -18.36
CA LEU A 161 -1.40 -16.56 -18.92
C LEU A 161 -0.57 -17.23 -17.82
N VAL A 162 0.25 -18.18 -18.25
CA VAL A 162 1.27 -18.78 -17.41
C VAL A 162 2.62 -18.65 -18.11
N LEU A 163 3.64 -18.39 -17.30
CA LEU A 163 5.00 -18.50 -17.76
C LEU A 163 5.60 -19.74 -17.09
N ASN A 164 6.00 -20.70 -17.93
CA ASN A 164 6.68 -21.89 -17.48
C ASN A 164 7.90 -22.11 -18.35
N ASP A 165 9.06 -22.15 -17.71
CA ASP A 165 10.30 -22.50 -18.40
C ASP A 165 10.53 -21.53 -19.55
N GLY A 166 10.14 -20.26 -19.36
CA GLY A 166 10.34 -19.24 -20.37
C GLY A 166 9.37 -19.34 -21.54
N VAL A 167 8.33 -20.18 -21.39
CA VAL A 167 7.30 -20.33 -22.40
C VAL A 167 6.00 -19.71 -21.87
N LEU A 168 5.36 -18.91 -22.71
CA LEU A 168 4.09 -18.29 -22.40
C LEU A 168 2.97 -19.21 -22.88
N TRP A 169 2.06 -19.53 -21.94
CA TRP A 169 0.92 -20.40 -22.20
C TRP A 169 -0.37 -19.63 -22.05
N ASP A 170 -1.31 -19.89 -22.96
CA ASP A 170 -2.68 -19.44 -22.77
C ASP A 170 -3.40 -20.50 -21.96
N VAL A 171 -3.86 -20.12 -20.76
CA VAL A 171 -4.40 -21.10 -19.82
C VAL A 171 -5.70 -21.71 -20.36
N ARG A 172 -6.56 -20.88 -20.97
CA ARG A 172 -7.89 -21.31 -21.38
C ARG A 172 -7.80 -22.39 -22.46
N SER A 173 -6.90 -22.23 -23.43
CA SER A 173 -6.76 -23.16 -24.53
C SER A 173 -5.68 -24.21 -24.24
N ALA A 174 -4.91 -23.97 -23.17
CA ALA A 174 -3.80 -24.81 -22.76
C ALA A 174 -2.76 -24.93 -23.88
N GLN A 175 -2.52 -23.82 -24.59
CA GLN A 175 -1.58 -23.81 -25.71
C GLN A 175 -0.40 -22.89 -25.41
N ALA A 176 0.81 -23.36 -25.74
CA ALA A 176 1.98 -22.50 -25.74
C ALA A 176 1.82 -21.47 -26.87
N ILE A 177 1.95 -20.19 -26.54
CA ILE A 177 1.78 -19.16 -27.55
C ILE A 177 3.11 -18.54 -27.95
N HIS A 178 4.12 -18.61 -27.08
CA HIS A 178 5.42 -18.04 -27.40
C HIS A 178 6.50 -18.63 -26.50
N LYS A 179 7.65 -18.96 -27.08
CA LYS A 179 8.84 -19.29 -26.32
C LYS A 179 9.78 -18.11 -26.37
N PHE A 180 10.16 -17.59 -25.19
CA PHE A 180 11.16 -16.55 -25.11
C PHE A 180 12.53 -17.19 -25.24
N ASP A 181 13.38 -16.58 -26.06
CA ASP A 181 14.72 -17.09 -26.32
C ASP A 181 15.53 -17.17 -25.03
N LYS A 182 16.44 -18.16 -25.00
CA LYS A 182 17.21 -18.48 -23.81
C LYS A 182 18.53 -17.71 -23.76
N PHE A 183 18.78 -17.07 -22.62
CA PHE A 183 20.00 -16.28 -22.40
C PHE A 183 20.79 -16.72 -21.17
N ASN A 184 20.25 -17.62 -20.34
CA ASN A 184 20.91 -18.04 -19.12
C ASN A 184 20.46 -19.48 -18.81
N MET A 185 21.19 -20.14 -17.92
CA MET A 185 20.97 -21.54 -17.65
C MET A 185 19.86 -21.81 -16.61
N ASN A 186 19.51 -20.81 -15.78
CA ASN A 186 18.84 -21.10 -14.51
C ASN A 186 17.47 -20.44 -14.38
N ILE A 187 17.40 -19.12 -14.60
CA ILE A 187 16.26 -18.32 -14.21
C ILE A 187 15.23 -18.30 -15.34
N SER A 188 13.96 -18.60 -15.01
CA SER A 188 12.87 -18.76 -15.97
C SER A 188 11.96 -17.53 -16.07
N GLY A 189 11.91 -16.69 -15.04
CA GLY A 189 11.26 -15.40 -15.17
C GLY A 189 9.92 -15.27 -14.46
N VAL A 190 9.43 -14.03 -14.42
CA VAL A 190 8.20 -13.63 -13.76
C VAL A 190 7.49 -12.58 -14.60
N PHE A 191 6.21 -12.37 -14.32
CA PHE A 191 5.46 -11.27 -14.90
C PHE A 191 5.64 -10.03 -14.03
N HIS A 192 5.85 -8.89 -14.69
CA HIS A 192 5.73 -7.61 -14.01
C HIS A 192 4.28 -7.46 -13.58
N PRO A 193 4.00 -6.94 -12.36
CA PRO A 193 2.62 -6.70 -11.96
C PRO A 193 1.81 -5.73 -12.83
N ASN A 194 2.48 -4.97 -13.71
CA ASN A 194 1.79 -4.05 -14.60
C ASN A 194 1.03 -4.80 -15.69
N GLY A 195 1.30 -6.10 -15.87
CA GLY A 195 0.58 -6.91 -16.84
C GLY A 195 1.09 -6.73 -18.27
N LEU A 196 2.17 -5.96 -18.46
CA LEU A 196 2.63 -5.58 -19.79
C LEU A 196 3.96 -6.23 -20.17
N GLU A 197 4.74 -6.64 -19.16
CA GLU A 197 6.12 -7.01 -19.39
C GLU A 197 6.40 -8.34 -18.69
N VAL A 198 7.38 -9.08 -19.22
N VAL A 198 7.37 -9.08 -19.25
CA VAL A 198 7.88 -10.27 -18.56
CA VAL A 198 7.90 -10.29 -18.65
C VAL A 198 9.37 -10.12 -18.36
C VAL A 198 9.37 -10.05 -18.35
N ILE A 199 9.79 -10.43 -17.14
CA ILE A 199 11.16 -10.25 -16.69
C ILE A 199 11.79 -11.62 -16.57
N ILE A 200 12.70 -11.96 -17.51
CA ILE A 200 13.35 -13.26 -17.52
C ILE A 200 14.84 -13.05 -17.37
N ASN A 201 15.32 -13.20 -16.13
CA ASN A 201 16.70 -12.93 -15.79
C ASN A 201 17.01 -11.48 -16.12
N THR A 202 17.94 -11.21 -17.05
CA THR A 202 18.34 -9.85 -17.36
C THR A 202 17.49 -9.24 -18.48
N GLU A 203 16.60 -10.03 -19.11
CA GLU A 203 15.84 -9.59 -20.28
C GLU A 203 14.43 -9.17 -19.87
N ILE A 204 14.02 -7.98 -20.32
CA ILE A 204 12.67 -7.49 -20.16
C ILE A 204 11.97 -7.54 -21.52
N TRP A 205 10.92 -8.35 -21.62
CA TRP A 205 10.18 -8.53 -22.86
C TRP A 205 8.82 -7.85 -22.77
N ASP A 206 8.40 -7.33 -23.91
CA ASP A 206 7.05 -6.81 -24.09
C ASP A 206 6.12 -7.98 -24.35
N LEU A 207 5.02 -8.03 -23.59
CA LEU A 207 4.11 -9.16 -23.70
C LEU A 207 3.27 -9.05 -24.97
N ARG A 208 3.07 -7.83 -25.47
CA ARG A 208 2.23 -7.58 -26.63
C ARG A 208 2.98 -7.97 -27.91
N THR A 209 4.24 -7.53 -28.05
CA THR A 209 4.96 -7.67 -29.30
C THR A 209 5.98 -8.81 -29.25
N PHE A 210 6.34 -9.22 -28.01
CA PHE A 210 7.42 -10.15 -27.73
C PHE A 210 8.78 -9.55 -28.07
N HIS A 211 8.86 -8.22 -28.23
CA HIS A 211 10.12 -7.51 -28.43
C HIS A 211 10.90 -7.37 -27.11
N LEU A 212 12.23 -7.37 -27.24
CA LEU A 212 13.12 -7.06 -26.13
C LEU A 212 13.07 -5.55 -25.83
N LEU A 213 12.66 -5.22 -24.60
CA LEU A 213 12.45 -3.82 -24.22
C LEU A 213 13.70 -3.25 -23.56
N HIS A 214 14.32 -4.05 -22.67
CA HIS A 214 15.48 -3.61 -21.91
C HIS A 214 16.31 -4.81 -21.49
N THR A 215 17.57 -4.51 -21.16
CA THR A 215 18.46 -5.46 -20.55
C THR A 215 18.90 -4.87 -19.22
N VAL A 216 18.82 -5.67 -18.15
CA VAL A 216 19.14 -5.21 -16.81
C VAL A 216 20.14 -6.17 -16.21
N PRO A 217 21.45 -5.94 -16.46
CA PRO A 217 22.48 -6.91 -16.09
C PRO A 217 22.52 -7.27 -14.61
N ALA A 218 22.10 -6.34 -13.73
CA ALA A 218 22.14 -6.54 -12.29
C ALA A 218 21.11 -7.58 -11.82
N LEU A 219 20.18 -7.96 -12.70
CA LEU A 219 19.19 -8.97 -12.33
C LEU A 219 19.69 -10.40 -12.58
N ASP A 220 20.92 -10.58 -13.06
CA ASP A 220 21.42 -11.90 -13.39
C ASP A 220 21.36 -12.83 -12.17
N GLN A 221 20.70 -13.97 -12.36
CA GLN A 221 20.59 -15.04 -11.38
C GLN A 221 19.76 -14.63 -10.16
N CYS A 222 18.95 -13.59 -10.30
CA CYS A 222 18.12 -13.13 -9.19
C CYS A 222 16.73 -13.76 -9.19
N ARG A 223 16.26 -14.08 -7.99
CA ARG A 223 14.85 -14.19 -7.72
C ARG A 223 14.36 -12.77 -7.42
N VAL A 224 13.13 -12.46 -7.83
CA VAL A 224 12.59 -11.13 -7.67
C VAL A 224 11.24 -11.19 -6.98
N VAL A 225 10.97 -10.16 -6.20
CA VAL A 225 9.64 -9.95 -5.64
C VAL A 225 9.38 -8.44 -5.67
N PHE A 226 8.13 -8.09 -5.96
CA PHE A 226 7.73 -6.70 -5.96
C PHE A 226 7.06 -6.38 -4.63
N ASN A 227 7.11 -5.10 -4.24
CA ASN A 227 6.29 -4.64 -3.13
C ASN A 227 4.83 -4.73 -3.59
N HIS A 228 3.89 -4.69 -2.64
CA HIS A 228 2.48 -4.89 -2.97
C HIS A 228 1.97 -3.81 -3.93
N THR A 229 2.52 -2.59 -3.80
N THR A 229 2.52 -2.59 -3.85
CA THR A 229 2.08 -1.43 -4.60
CA THR A 229 2.00 -1.50 -4.64
C THR A 229 2.62 -1.53 -6.02
C THR A 229 2.73 -1.41 -5.98
N GLY A 230 3.68 -2.33 -6.20
CA GLY A 230 4.28 -2.53 -7.51
C GLY A 230 5.20 -1.38 -7.90
N THR A 231 5.82 -0.72 -6.90
CA THR A 231 6.70 0.41 -7.20
C THR A 231 8.18 0.03 -7.07
N VAL A 232 8.47 -1.03 -6.31
CA VAL A 232 9.84 -1.44 -6.04
C VAL A 232 9.97 -2.93 -6.33
N MET A 233 11.06 -3.29 -7.02
CA MET A 233 11.41 -4.68 -7.25
C MET A 233 12.65 -5.01 -6.41
N TYR A 234 12.56 -6.10 -5.64
CA TYR A 234 13.68 -6.63 -4.88
C TYR A 234 14.24 -7.84 -5.60
N GLY A 235 15.57 -7.92 -5.69
CA GLY A 235 16.21 -9.06 -6.33
C GLY A 235 17.39 -9.53 -5.48
N ALA A 236 17.56 -10.84 -5.38
CA ALA A 236 18.70 -11.40 -4.68
C ALA A 236 19.26 -12.53 -5.53
N MET A 237 20.58 -12.52 -5.66
CA MET A 237 21.25 -13.49 -6.49
C MET A 237 21.27 -14.84 -5.79
N LEU A 238 20.89 -15.89 -6.51
CA LEU A 238 21.03 -17.24 -5.97
C LEU A 238 22.52 -17.50 -5.74
N GLN A 239 22.86 -18.38 -4.78
CA GLN A 239 24.26 -18.77 -4.67
C GLN A 239 24.47 -20.14 -5.31
N LYS A 252 22.00 -25.65 2.58
CA LYS A 252 22.74 -24.36 2.40
C LYS A 252 21.75 -23.24 2.10
N SER A 253 22.25 -22.01 2.07
CA SER A 253 21.38 -20.87 1.84
C SER A 253 21.04 -20.79 0.36
N PRO A 254 19.78 -20.47 0.02
CA PRO A 254 19.39 -20.26 -1.37
C PRO A 254 20.09 -19.04 -1.99
N PHE A 255 20.37 -18.02 -1.16
CA PHE A 255 20.90 -16.76 -1.66
C PHE A 255 22.26 -16.46 -1.05
N GLY A 256 22.95 -15.51 -1.70
CA GLY A 256 24.15 -14.91 -1.16
C GLY A 256 23.78 -13.92 -0.06
N SER A 257 24.65 -12.91 0.12
CA SER A 257 24.55 -12.03 1.26
C SER A 257 23.98 -10.66 0.88
N SER A 258 23.52 -10.51 -0.37
N SER A 258 23.52 -10.52 -0.37
CA SER A 258 23.07 -9.21 -0.82
CA SER A 258 23.12 -9.24 -0.91
C SER A 258 21.73 -9.32 -1.53
C SER A 258 21.72 -9.32 -1.52
N PHE A 259 20.99 -8.21 -1.45
CA PHE A 259 19.81 -8.01 -2.27
C PHE A 259 19.91 -6.60 -2.85
N ARG A 260 19.14 -6.39 -3.92
N ARG A 260 19.18 -6.38 -3.94
CA ARG A 260 19.14 -5.17 -4.71
CA ARG A 260 19.17 -5.11 -4.64
C ARG A 260 17.71 -4.68 -4.85
C ARG A 260 17.72 -4.68 -4.86
N THR A 261 17.52 -3.35 -4.90
CA THR A 261 16.23 -2.79 -5.23
C THR A 261 16.32 -2.03 -6.54
N PHE A 262 15.20 -2.03 -7.25
CA PHE A 262 15.03 -1.35 -8.51
C PHE A 262 13.68 -0.66 -8.53
N ASN A 263 13.63 0.46 -9.25
CA ASN A 263 12.38 1.14 -9.53
C ASN A 263 11.60 0.30 -10.53
N ALA A 264 10.40 -0.14 -10.16
CA ALA A 264 9.61 -1.03 -11.01
C ALA A 264 9.08 -0.31 -12.25
N THR A 265 9.12 1.03 -12.31
CA THR A 265 8.53 1.72 -13.44
C THR A 265 9.55 1.85 -14.57
N ASP A 266 10.86 1.92 -14.26
CA ASP A 266 11.87 2.15 -15.28
C ASP A 266 13.09 1.23 -15.14
N TYR A 267 13.05 0.28 -14.19
CA TYR A 267 14.10 -0.70 -13.96
C TYR A 267 15.42 -0.07 -13.53
N LYS A 268 15.40 1.20 -13.11
CA LYS A 268 16.62 1.84 -12.64
C LYS A 268 16.95 1.33 -11.23
N PRO A 269 18.23 0.98 -10.97
CA PRO A 269 18.69 0.57 -9.64
C PRO A 269 18.46 1.66 -8.60
N ILE A 270 18.04 1.24 -7.41
CA ILE A 270 17.86 2.14 -6.30
C ILE A 270 19.02 1.92 -5.33
N ALA A 271 19.10 0.71 -4.77
CA ALA A 271 20.05 0.42 -3.71
C ALA A 271 20.55 -1.03 -3.81
N THR A 272 21.77 -1.23 -3.31
CA THR A 272 22.34 -2.55 -3.12
C THR A 272 22.67 -2.68 -1.64
N ILE A 273 22.14 -3.74 -1.02
CA ILE A 273 22.30 -3.96 0.40
C ILE A 273 23.07 -5.24 0.60
N ASP A 274 24.24 -5.16 1.24
CA ASP A 274 24.98 -6.35 1.63
C ASP A 274 24.81 -6.58 3.13
N VAL A 275 24.12 -7.66 3.51
CA VAL A 275 23.87 -7.90 4.93
C VAL A 275 25.01 -8.73 5.53
N LYS A 276 26.01 -9.10 4.71
CA LYS A 276 27.25 -9.74 5.15
C LYS A 276 26.99 -11.11 5.78
N ARG A 277 25.79 -11.65 5.55
CA ARG A 277 25.39 -12.97 6.00
C ARG A 277 24.50 -13.55 4.90
N ASN A 278 24.47 -14.87 4.77
CA ASN A 278 23.64 -15.49 3.74
C ASN A 278 22.16 -15.31 4.05
N ILE A 279 21.40 -15.00 2.99
CA ILE A 279 19.99 -14.73 3.06
C ILE A 279 19.22 -15.98 2.68
N PHE A 280 18.15 -16.24 3.42
CA PHE A 280 17.26 -17.36 3.16
C PHE A 280 15.98 -16.89 2.49
N ASP A 281 15.48 -15.73 2.86
CA ASP A 281 14.23 -15.24 2.30
C ASP A 281 14.06 -13.78 2.66
N LEU A 282 13.14 -13.15 1.95
CA LEU A 282 12.81 -11.76 2.10
C LEU A 282 11.32 -11.57 1.78
N CYS A 283 10.63 -10.73 2.56
CA CYS A 283 9.26 -10.37 2.25
C CYS A 283 8.96 -8.98 2.78
N THR A 284 7.90 -8.36 2.23
N THR A 284 7.90 -8.37 2.23
CA THR A 284 7.43 -7.06 2.67
CA THR A 284 7.42 -7.08 2.69
C THR A 284 5.98 -7.21 3.15
C THR A 284 5.98 -7.24 3.19
N ASP A 285 5.55 -6.32 4.06
CA ASP A 285 4.21 -6.40 4.61
C ASP A 285 3.21 -5.83 3.60
N THR A 286 1.91 -6.03 3.86
N THR A 286 1.93 -6.06 3.90
CA THR A 286 0.89 -5.64 2.90
CA THR A 286 0.80 -5.65 3.07
C THR A 286 0.88 -4.13 2.71
C THR A 286 0.89 -4.17 2.73
N LYS A 287 1.34 -3.37 3.71
CA LYS A 287 1.39 -1.91 3.60
C LYS A 287 2.75 -1.44 3.07
N ASP A 288 3.68 -2.37 2.84
CA ASP A 288 4.96 -2.06 2.20
C ASP A 288 5.80 -1.11 3.04
N CYS A 289 5.64 -1.18 4.36
CA CYS A 289 6.37 -0.34 5.28
C CYS A 289 7.64 -1.00 5.80
N TYR A 290 7.68 -2.33 5.79
CA TYR A 290 8.70 -3.10 6.46
C TYR A 290 9.16 -4.22 5.54
N LEU A 291 10.42 -4.62 5.72
CA LEU A 291 11.03 -5.74 5.05
C LEU A 291 11.46 -6.74 6.12
N ALA A 292 11.11 -8.02 5.96
CA ALA A 292 11.59 -9.05 6.85
C ALA A 292 12.59 -9.89 6.06
N VAL A 293 13.78 -10.09 6.62
CA VAL A 293 14.82 -10.84 5.96
C VAL A 293 15.31 -11.94 6.89
N ILE A 294 15.36 -13.17 6.40
CA ILE A 294 15.94 -14.27 7.15
C ILE A 294 17.42 -14.35 6.80
N GLU A 295 18.28 -14.24 7.81
CA GLU A 295 19.72 -14.16 7.65
C GLU A 295 20.38 -15.20 8.54
N ASN A 296 21.38 -15.92 8.01
CA ASN A 296 22.08 -16.90 8.83
C ASN A 296 23.18 -16.20 9.62
N GLN A 297 23.19 -16.40 10.94
CA GLN A 297 24.33 -15.97 11.72
C GLN A 297 25.47 -16.99 11.56
N MET A 300 29.83 -15.64 6.96
CA MET A 300 29.59 -15.92 5.51
C MET A 300 29.84 -17.40 5.22
N ASP A 301 28.83 -18.05 4.61
CA ASP A 301 28.87 -19.45 4.22
C ASP A 301 29.12 -20.33 5.45
N ALA A 302 28.37 -20.06 6.52
CA ALA A 302 28.46 -20.83 7.75
C ALA A 302 27.83 -22.20 7.54
N LEU A 303 28.45 -23.24 8.11
CA LEU A 303 27.89 -24.59 8.15
C LEU A 303 26.80 -24.64 9.22
N ASN A 304 27.04 -23.91 10.32
CA ASN A 304 26.08 -23.72 11.39
C ASN A 304 24.83 -23.05 10.81
N MET A 305 23.67 -23.67 11.09
CA MET A 305 22.36 -23.07 10.85
C MET A 305 21.89 -22.41 12.13
N ASP A 306 21.82 -21.08 12.13
CA ASP A 306 21.32 -20.36 13.29
C ASP A 306 20.78 -19.03 12.79
N THR A 307 19.58 -19.05 12.20
CA THR A 307 19.07 -17.90 11.47
C THR A 307 18.35 -16.97 12.43
N VAL A 308 18.32 -15.71 12.01
CA VAL A 308 17.49 -14.71 12.64
C VAL A 308 16.56 -14.17 11.58
N CYS A 309 15.46 -13.59 12.07
CA CYS A 309 14.63 -12.73 11.25
C CYS A 309 14.92 -11.29 11.63
N ARG A 310 15.38 -10.51 10.66
CA ARG A 310 15.58 -9.09 10.87
C ARG A 310 14.45 -8.33 10.20
N LEU A 311 13.89 -7.35 10.91
CA LEU A 311 12.89 -6.46 10.35
C LEU A 311 13.57 -5.13 10.05
N TYR A 312 13.38 -4.63 8.82
CA TYR A 312 13.97 -3.38 8.39
C TYR A 312 12.86 -2.43 7.96
N GLU A 313 13.12 -1.13 8.12
CA GLU A 313 12.25 -0.11 7.55
C GLU A 313 12.65 0.09 6.09
N VAL A 314 11.64 0.20 5.21
CA VAL A 314 11.91 0.41 3.80
C VAL A 314 12.39 1.85 3.60
N ALA B 4 -24.09 3.40 13.28
CA ALA B 4 -24.46 4.18 14.48
C ALA B 4 -23.46 5.32 14.66
N PHE B 5 -23.97 6.54 14.72
CA PHE B 5 -23.20 7.70 15.13
C PHE B 5 -24.04 8.47 16.14
N ARG B 6 -23.70 8.31 17.42
CA ARG B 6 -24.51 8.86 18.49
C ARG B 6 -23.90 10.19 18.94
N PRO B 7 -24.58 11.34 18.78
CA PRO B 7 -24.01 12.62 19.20
C PRO B 7 -23.77 12.64 20.71
N ILE B 8 -22.65 13.27 21.09
CA ILE B 8 -22.22 13.39 22.48
C ILE B 8 -22.43 14.83 22.92
N SER B 9 -21.83 15.76 22.17
CA SER B 9 -21.71 17.14 22.62
C SER B 9 -21.30 18.05 21.47
N VAL B 10 -21.38 19.36 21.71
CA VAL B 10 -21.02 20.35 20.71
C VAL B 10 -19.99 21.30 21.30
N PHE B 11 -18.98 21.60 20.49
CA PHE B 11 -18.09 22.73 20.70
C PHE B 11 -18.55 23.89 19.83
N ARG B 12 -18.80 25.04 20.43
CA ARG B 12 -19.07 26.23 19.66
C ARG B 12 -18.01 27.27 19.98
N GLU B 13 -17.84 28.22 19.06
CA GLU B 13 -16.81 29.21 19.20
C GLU B 13 -17.15 30.10 20.39
N ALA B 14 -16.26 30.08 21.38
CA ALA B 14 -16.47 30.85 22.60
C ALA B 14 -16.61 32.34 22.28
N ASN B 15 -17.57 32.99 22.96
CA ASN B 15 -17.73 34.44 22.98
C ASN B 15 -18.06 35.00 21.58
N GLU B 16 -18.69 34.17 20.75
CA GLU B 16 -19.24 34.61 19.48
C GLU B 16 -20.72 34.28 19.45
N ASP B 17 -21.55 35.23 19.02
CA ASP B 17 -22.98 35.00 18.87
C ASP B 17 -23.22 33.88 17.87
N GLU B 18 -22.49 33.92 16.74
CA GLU B 18 -22.53 32.83 15.77
C GLU B 18 -21.15 32.19 15.69
N SER B 19 -21.12 30.85 15.64
CA SER B 19 -19.88 30.10 15.57
C SER B 19 -19.37 30.11 14.13
N GLY B 20 -18.04 30.15 13.97
CA GLY B 20 -17.43 30.28 12.65
C GLY B 20 -16.44 29.17 12.32
N PHE B 21 -16.62 27.96 12.88
CA PHE B 21 -15.70 26.87 12.57
C PHE B 21 -15.87 26.44 11.11
N THR B 22 -14.75 26.09 10.47
CA THR B 22 -14.75 25.68 9.07
C THR B 22 -14.10 24.33 8.85
N CYS B 23 -13.24 23.89 9.77
CA CYS B 23 -12.56 22.62 9.60
CA CYS B 23 -12.51 22.65 9.59
C CYS B 23 -12.08 22.11 10.95
N CYS B 24 -11.73 20.82 10.98
CA CYS B 24 -11.43 20.13 12.23
C CYS B 24 -10.39 19.04 12.02
N ALA B 25 -9.54 18.85 13.02
CA ALA B 25 -8.69 17.68 13.14
C ALA B 25 -8.40 17.45 14.62
N PHE B 26 -8.28 16.20 15.02
CA PHE B 26 -7.77 15.90 16.34
C PHE B 26 -6.28 16.17 16.37
N SER B 27 -5.78 16.65 17.51
CA SER B 27 -4.34 16.76 17.74
C SER B 27 -3.74 15.35 17.73
N ALA B 28 -2.41 15.28 17.61
CA ALA B 28 -1.73 14.01 17.44
C ALA B 28 -2.01 13.07 18.60
N ARG B 29 -2.07 13.61 19.83
CA ARG B 29 -2.33 12.82 21.03
C ARG B 29 -3.81 12.89 21.42
N GLU B 30 -4.60 13.70 20.71
CA GLU B 30 -6.05 13.64 20.72
C GLU B 30 -6.64 14.26 21.99
N ARG B 31 -5.83 15.01 22.72
CA ARG B 31 -6.31 15.77 23.87
C ARG B 31 -7.13 16.97 23.41
N PHE B 32 -6.89 17.41 22.16
CA PHE B 32 -7.50 18.63 21.64
C PHE B 32 -8.11 18.38 20.27
N LEU B 33 -9.19 19.12 19.98
CA LEU B 33 -9.64 19.38 18.64
C LEU B 33 -9.03 20.68 18.18
N MET B 34 -8.49 20.64 16.95
CA MET B 34 -7.95 21.81 16.26
C MET B 34 -9.00 22.26 15.25
N LEU B 35 -9.51 23.49 15.43
CA LEU B 35 -10.63 23.98 14.66
C LEU B 35 -10.22 25.26 13.95
N GLY B 36 -10.28 25.22 12.61
CA GLY B 36 -10.06 26.43 11.83
C GLY B 36 -11.33 27.27 11.78
N THR B 37 -11.21 28.59 11.57
CA THR B 37 -12.38 29.46 11.55
C THR B 37 -12.45 30.27 10.26
N CYS B 38 -13.64 30.84 10.03
CA CYS B 38 -13.92 31.63 8.85
C CYS B 38 -13.17 32.96 8.86
N THR B 39 -12.52 33.30 9.97
CA THR B 39 -11.71 34.51 10.05
C THR B 39 -10.21 34.20 10.07
N GLY B 40 -9.80 32.96 9.77
CA GLY B 40 -8.41 32.61 9.61
C GLY B 40 -7.71 32.21 10.91
N GLN B 41 -8.50 31.95 11.97
CA GLN B 41 -7.92 31.57 13.25
C GLN B 41 -7.91 30.04 13.39
N LEU B 42 -6.94 29.57 14.16
CA LEU B 42 -6.86 28.20 14.61
C LEU B 42 -7.20 28.19 16.10
N LYS B 43 -8.25 27.44 16.48
CA LYS B 43 -8.65 27.38 17.88
C LYS B 43 -8.44 25.96 18.38
N LEU B 44 -7.85 25.84 19.57
CA LEU B 44 -7.64 24.57 20.23
C LEU B 44 -8.70 24.40 21.31
N TYR B 45 -9.46 23.30 21.23
CA TYR B 45 -10.51 23.00 22.19
C TYR B 45 -10.14 21.71 22.90
N ASN B 46 -10.21 21.73 24.23
CA ASN B 46 -9.96 20.54 25.02
C ASN B 46 -11.15 19.59 24.88
N VAL B 47 -10.90 18.36 24.45
CA VAL B 47 -11.99 17.43 24.17
C VAL B 47 -12.73 17.08 25.46
N PHE B 48 -11.99 16.93 26.57
CA PHE B 48 -12.58 16.52 27.84
C PHE B 48 -13.41 17.66 28.44
N SER B 49 -12.85 18.87 28.49
CA SER B 49 -13.45 19.98 29.22
C SER B 49 -14.38 20.82 28.35
N GLY B 50 -14.21 20.76 27.02
CA GLY B 50 -14.99 21.57 26.09
C GLY B 50 -14.50 23.01 25.97
N GLN B 51 -13.41 23.36 26.68
CA GLN B 51 -12.96 24.73 26.79
C GLN B 51 -11.96 25.07 25.68
N GLU B 52 -12.02 26.32 25.20
CA GLU B 52 -11.02 26.85 24.27
C GLU B 52 -9.74 27.18 25.04
N GLU B 53 -8.63 26.55 24.63
CA GLU B 53 -7.37 26.65 25.35
C GLU B 53 -6.42 27.65 24.68
N ALA B 54 -6.61 27.89 23.38
CA ALA B 54 -5.76 28.82 22.63
C ALA B 54 -6.43 29.17 21.31
N SER B 55 -6.03 30.33 20.80
CA SER B 55 -6.47 30.82 19.51
C SER B 55 -5.27 31.47 18.85
N TYR B 56 -4.97 31.07 17.61
CA TYR B 56 -3.83 31.58 16.88
C TYR B 56 -4.28 32.20 15.57
N ASN B 57 -3.63 33.31 15.19
CA ASN B 57 -3.88 34.00 13.95
C ASN B 57 -3.05 33.33 12.87
N CYS B 58 -3.70 32.62 11.94
CA CYS B 58 -2.97 31.87 10.94
C CYS B 58 -3.08 32.52 9.56
N HIS B 59 -4.29 32.91 9.17
CA HIS B 59 -4.52 33.47 7.85
C HIS B 59 -5.44 34.67 7.95
N ASN B 60 -5.47 35.46 6.87
CA ASN B 60 -6.30 36.65 6.78
C ASN B 60 -7.62 36.32 6.07
N SER B 61 -7.86 35.03 5.81
CA SER B 61 -9.12 34.58 5.23
C SER B 61 -9.50 33.24 5.87
N ALA B 62 -10.71 32.77 5.56
CA ALA B 62 -11.24 31.55 6.13
C ALA B 62 -10.28 30.37 5.93
N ILE B 63 -10.07 29.60 6.98
CA ILE B 63 -9.36 28.33 6.90
CA ILE B 63 -9.33 28.36 6.84
C ILE B 63 -10.25 27.34 6.17
N THR B 64 -9.71 26.62 5.19
CA THR B 64 -10.49 25.64 4.45
C THR B 64 -10.17 24.23 4.93
N HIS B 65 -8.93 23.98 5.36
CA HIS B 65 -8.51 22.62 5.62
C HIS B 65 -7.28 22.67 6.51
N LEU B 66 -7.11 21.67 7.37
CA LEU B 66 -5.89 21.59 8.13
C LEU B 66 -5.51 20.13 8.34
N GLU B 67 -4.23 19.91 8.65
CA GLU B 67 -3.72 18.56 8.83
C GLU B 67 -2.57 18.60 9.83
N PRO B 68 -2.72 18.00 11.03
CA PRO B 68 -1.61 17.88 11.97
C PRO B 68 -0.71 16.75 11.51
N SER B 69 0.60 16.92 11.72
CA SER B 69 1.54 15.83 11.55
C SER B 69 1.31 14.78 12.63
N ARG B 70 1.64 13.52 12.31
CA ARG B 70 1.45 12.43 13.24
C ARG B 70 2.26 12.61 14.52
N ASP B 71 3.45 13.23 14.44
CA ASP B 71 4.34 13.34 15.59
C ASP B 71 4.01 14.55 16.45
N GLY B 72 2.98 15.32 16.09
CA GLY B 72 2.50 16.39 16.95
C GLY B 72 3.27 17.71 16.78
N SER B 73 4.30 17.72 15.94
CA SER B 73 5.22 18.86 15.89
C SER B 73 4.81 19.88 14.83
N LEU B 74 3.95 19.49 13.88
CA LEU B 74 3.68 20.31 12.71
C LEU B 74 2.19 20.33 12.38
N LEU B 75 1.78 21.40 11.70
CA LEU B 75 0.41 21.58 11.24
C LEU B 75 0.44 22.26 9.89
N LEU B 76 -0.34 21.72 8.94
CA LEU B 76 -0.61 22.39 7.69
C LEU B 76 -1.96 23.07 7.76
N THR B 77 -2.04 24.28 7.20
CA THR B 77 -3.30 24.96 7.01
C THR B 77 -3.38 25.43 5.55
N SER B 78 -4.62 25.54 5.07
CA SER B 78 -4.96 26.19 3.82
C SER B 78 -6.10 27.16 4.06
N ALA B 79 -6.14 28.23 3.26
CA ALA B 79 -7.14 29.26 3.38
C ALA B 79 -7.75 29.55 2.01
N THR B 80 -8.67 30.51 1.95
N THR B 80 -8.68 30.51 1.95
CA THR B 80 -9.55 30.67 0.81
CA THR B 80 -9.57 30.67 0.80
C THR B 80 -8.96 31.64 -0.21
C THR B 80 -8.98 31.65 -0.21
N TRP B 81 -8.48 32.79 0.30
CA TRP B 81 -8.09 33.93 -0.52
C TRP B 81 -6.73 34.42 -0.05
N SER B 82 -6.17 35.35 -0.84
CA SER B 82 -5.04 36.13 -0.39
C SER B 82 -3.83 35.21 -0.25
N GLN B 83 -2.91 35.60 0.63
CA GLN B 83 -1.59 35.01 0.67
C GLN B 83 -1.06 35.03 2.10
N PRO B 84 -0.33 33.99 2.54
CA PRO B 84 -0.10 32.78 1.75
C PRO B 84 -1.35 31.92 1.80
N LEU B 85 -1.62 31.17 0.74
CA LEU B 85 -2.81 30.34 0.67
C LEU B 85 -2.68 29.16 1.62
N SER B 86 -1.45 28.68 1.80
CA SER B 86 -1.20 27.53 2.65
C SER B 86 0.07 27.79 3.44
N ALA B 87 0.21 27.10 4.57
CA ALA B 87 1.35 27.29 5.44
C ALA B 87 1.56 26.06 6.31
N LEU B 88 2.79 25.99 6.82
CA LEU B 88 3.23 24.96 7.74
C LEU B 88 3.63 25.64 9.05
N TRP B 89 3.07 25.14 10.16
CA TRP B 89 3.24 25.76 11.47
C TRP B 89 3.96 24.78 12.38
N GLY B 90 4.87 25.32 13.20
CA GLY B 90 5.48 24.56 14.28
C GLY B 90 4.61 24.69 15.53
N MET B 91 4.49 23.59 16.27
CA MET B 91 3.62 23.55 17.42
C MET B 91 4.39 23.39 18.73
N LYS B 92 5.60 22.82 18.67
CA LYS B 92 6.38 22.54 19.87
C LYS B 92 7.00 23.83 20.42
N SER B 93 6.63 24.19 21.67
CA SER B 93 7.23 25.29 22.43
C SER B 93 6.55 26.62 22.11
N VAL B 94 6.52 26.99 20.82
CA VAL B 94 5.96 28.27 20.39
C VAL B 94 5.21 28.03 19.08
N PHE B 95 3.96 28.51 19.00
CA PHE B 95 3.22 28.41 17.76
C PHE B 95 3.76 29.45 16.78
N ASP B 96 4.30 28.97 15.65
CA ASP B 96 5.04 29.85 14.75
C ASP B 96 4.98 29.28 13.33
N MET B 97 5.00 30.17 12.34
CA MET B 97 5.01 29.72 10.95
C MET B 97 6.43 29.25 10.58
N LYS B 98 6.54 28.03 10.05
CA LYS B 98 7.81 27.47 9.63
C LYS B 98 8.06 27.83 8.16
N HIS B 99 7.05 27.61 7.32
CA HIS B 99 7.13 27.89 5.90
C HIS B 99 5.74 28.28 5.38
N SER B 100 5.72 29.04 4.29
CA SER B 100 4.48 29.27 3.57
C SER B 100 4.56 28.70 2.16
N PHE B 101 3.38 28.38 1.64
CA PHE B 101 3.22 27.86 0.28
C PHE B 101 2.25 28.81 -0.39
N THR B 102 2.81 29.89 -0.96
N THR B 102 2.80 29.89 -0.95
CA THR B 102 2.06 31.10 -1.24
CA THR B 102 2.04 31.08 -1.23
C THR B 102 0.88 30.81 -2.17
C THR B 102 0.86 30.78 -2.17
N GLU B 103 1.08 29.99 -3.22
CA GLU B 103 0.07 29.84 -4.26
C GLU B 103 -0.65 28.50 -4.25
N ASP B 104 -0.36 27.63 -3.27
CA ASP B 104 -0.99 26.33 -3.21
C ASP B 104 -2.26 26.43 -2.35
N HIS B 105 -3.42 26.14 -2.95
CA HIS B 105 -4.68 26.26 -2.23
C HIS B 105 -4.99 25.02 -1.40
N TYR B 106 -4.25 23.92 -1.62
CA TYR B 106 -4.40 22.72 -0.83
CA TYR B 106 -4.41 22.70 -0.85
C TYR B 106 -3.02 22.12 -0.61
N VAL B 107 -2.80 21.56 0.57
CA VAL B 107 -1.54 20.93 0.94
C VAL B 107 -1.85 19.67 1.77
N GLU B 108 -0.95 18.69 1.65
CA GLU B 108 -1.00 17.47 2.43
C GLU B 108 0.44 17.10 2.78
N PHE B 109 0.61 16.40 3.90
CA PHE B 109 1.87 15.77 4.22
C PHE B 109 2.05 14.52 3.35
N SER B 110 3.31 14.16 3.11
CA SER B 110 3.62 12.81 2.70
C SER B 110 3.14 11.84 3.78
N LYS B 111 3.01 10.56 3.42
CA LYS B 111 2.22 9.63 4.22
C LYS B 111 3.10 8.66 5.00
N HIS B 112 4.06 8.01 4.34
CA HIS B 112 4.87 7.00 5.00
C HIS B 112 5.86 7.65 5.95
N SER B 113 6.67 8.56 5.42
CA SER B 113 7.50 9.40 6.26
C SER B 113 7.10 10.83 5.96
N GLN B 114 6.79 11.58 7.01
CA GLN B 114 6.24 12.91 6.84
C GLN B 114 7.40 13.91 6.79
N ASP B 115 8.16 13.85 5.70
CA ASP B 115 9.31 14.72 5.49
C ASP B 115 9.04 15.73 4.38
N ARG B 116 7.88 15.61 3.74
CA ARG B 116 7.56 16.42 2.58
C ARG B 116 6.10 16.88 2.66
N VAL B 117 5.84 17.95 1.93
CA VAL B 117 4.50 18.48 1.75
C VAL B 117 4.21 18.46 0.25
N ILE B 118 2.99 18.07 -0.13
CA ILE B 118 2.58 18.24 -1.51
C ILE B 118 1.46 19.26 -1.55
N GLY B 119 1.65 20.27 -2.40
CA GLY B 119 0.68 21.31 -2.59
C GLY B 119 0.11 21.28 -4.00
N THR B 120 -1.10 21.83 -4.12
CA THR B 120 -1.80 21.89 -5.39
C THR B 120 -2.04 23.34 -5.74
N LYS B 121 -1.65 23.72 -6.96
CA LYS B 121 -2.03 24.99 -7.53
C LYS B 121 -2.70 24.71 -8.86
N GLY B 122 -4.03 24.82 -8.92
CA GLY B 122 -4.76 24.44 -10.13
C GLY B 122 -4.45 22.99 -10.53
N ASP B 123 -3.89 22.83 -11.74
CA ASP B 123 -3.61 21.52 -12.30
C ASP B 123 -2.21 21.03 -11.92
N ILE B 124 -1.48 21.81 -11.14
CA ILE B 124 -0.06 21.59 -10.91
C ILE B 124 0.17 21.12 -9.48
N ALA B 125 1.05 20.12 -9.32
CA ALA B 125 1.47 19.65 -8.01
C ALA B 125 2.88 20.15 -7.70
N HIS B 126 3.08 20.59 -6.46
CA HIS B 126 4.38 21.01 -5.98
C HIS B 126 4.74 20.18 -4.75
N ILE B 127 5.98 19.67 -4.73
CA ILE B 127 6.47 18.92 -3.59
C ILE B 127 7.57 19.74 -2.93
N TYR B 128 7.43 19.93 -1.61
CA TYR B 128 8.35 20.73 -0.82
C TYR B 128 9.01 19.88 0.26
N ASP B 129 10.23 20.26 0.62
CA ASP B 129 10.91 19.69 1.77
C ASP B 129 10.45 20.41 3.04
N ILE B 130 10.10 19.67 4.08
CA ILE B 130 9.60 20.28 5.31
C ILE B 130 10.68 21.13 5.96
N GLN B 131 11.93 20.65 5.91
CA GLN B 131 13.01 21.28 6.65
C GLN B 131 13.33 22.64 6.03
N THR B 132 13.61 22.65 4.72
CA THR B 132 14.09 23.85 4.06
C THR B 132 12.92 24.67 3.54
N GLY B 133 11.77 24.03 3.31
CA GLY B 133 10.66 24.66 2.63
C GLY B 133 10.87 24.76 1.12
N ASN B 134 12.01 24.29 0.60
CA ASN B 134 12.31 24.42 -0.82
C ASN B 134 11.41 23.50 -1.64
N LYS B 135 11.07 23.96 -2.85
CA LYS B 135 10.34 23.15 -3.82
C LYS B 135 11.31 22.13 -4.41
N LEU B 136 11.02 20.84 -4.20
CA LEU B 136 11.85 19.75 -4.67
C LEU B 136 11.44 19.34 -6.10
N LEU B 137 10.14 19.40 -6.39
CA LEU B 137 9.58 18.90 -7.63
C LEU B 137 8.33 19.70 -8.00
N THR B 138 8.14 19.91 -9.30
CA THR B 138 6.88 20.32 -9.88
C THR B 138 6.42 19.22 -10.82
N LEU B 139 5.18 18.74 -10.60
CA LEU B 139 4.63 17.66 -11.39
C LEU B 139 3.46 18.24 -12.18
N PHE B 140 3.68 18.32 -13.49
CA PHE B 140 2.68 18.78 -14.44
C PHE B 140 3.12 18.32 -15.81
N ASN B 141 2.24 17.57 -16.48
CA ASN B 141 2.48 17.14 -17.84
C ASN B 141 1.29 17.62 -18.65
N PRO B 142 1.46 18.64 -19.51
CA PRO B 142 0.33 19.23 -20.23
C PRO B 142 -0.32 18.29 -21.22
N ASP B 143 0.44 17.26 -21.66
CA ASP B 143 -0.07 16.24 -22.55
C ASP B 143 -1.21 15.47 -21.88
N LEU B 144 -1.14 15.34 -20.54
CA LEU B 144 -1.94 14.37 -19.82
C LEU B 144 -3.00 15.03 -18.93
N ALA B 145 -3.07 16.37 -18.91
CA ALA B 145 -3.90 17.05 -17.93
C ALA B 145 -5.38 16.75 -18.13
N ASN B 146 -6.13 16.64 -17.01
CA ASN B 146 -7.57 16.53 -17.04
C ASN B 146 -8.27 17.83 -16.65
N ASN B 147 -7.55 18.77 -16.02
CA ASN B 147 -8.11 20.07 -15.66
C ASN B 147 -9.29 19.93 -14.70
N TYR B 148 -9.17 19.01 -13.72
CA TYR B 148 -10.19 18.86 -12.70
C TYR B 148 -10.34 20.15 -11.90
N LYS B 149 -11.57 20.61 -11.75
CA LYS B 149 -11.86 21.90 -11.14
C LYS B 149 -11.53 21.87 -9.66
N ARG B 150 -11.56 20.69 -9.02
CA ARG B 150 -11.23 20.56 -7.61
C ARG B 150 -10.06 19.62 -7.44
N ASN B 151 -9.07 19.71 -8.34
CA ASN B 151 -7.88 18.91 -8.26
C ASN B 151 -7.20 19.06 -6.90
N CYS B 152 -6.82 17.93 -6.32
N CYS B 152 -6.70 17.95 -6.36
CA CYS B 152 -5.98 17.89 -5.14
CA CYS B 152 -6.01 17.93 -5.08
C CYS B 152 -4.96 16.79 -5.32
C CYS B 152 -4.96 16.82 -5.13
N ALA B 153 -3.69 17.20 -5.32
CA ALA B 153 -2.59 16.26 -5.46
C ALA B 153 -2.30 15.56 -4.13
N THR B 154 -1.92 14.29 -4.22
CA THR B 154 -1.77 13.46 -3.04
C THR B 154 -0.69 12.41 -3.27
N PHE B 155 0.07 12.09 -2.22
CA PHE B 155 0.95 10.94 -2.23
C PHE B 155 0.17 9.65 -1.96
N ASN B 156 0.71 8.53 -2.45
CA ASN B 156 0.21 7.23 -2.06
C ASN B 156 0.80 6.87 -0.70
N PRO B 157 0.34 5.78 -0.08
CA PRO B 157 0.83 5.42 1.26
C PRO B 157 2.33 5.19 1.39
N THR B 158 3.01 4.80 0.32
CA THR B 158 4.44 4.53 0.39
C THR B 158 5.25 5.77 0.04
N ASP B 159 4.58 6.82 -0.47
CA ASP B 159 5.20 8.06 -0.93
C ASP B 159 5.94 7.88 -2.25
N ASP B 160 5.86 6.71 -2.89
CA ASP B 160 6.54 6.51 -4.14
C ASP B 160 5.79 7.13 -5.32
N LEU B 161 4.48 7.29 -5.15
CA LEU B 161 3.62 7.74 -6.23
C LEU B 161 2.85 8.97 -5.80
N VAL B 162 2.47 9.76 -6.80
CA VAL B 162 1.57 10.88 -6.62
C VAL B 162 0.45 10.77 -7.64
N LEU B 163 -0.74 11.12 -7.21
CA LEU B 163 -1.86 11.32 -8.11
C LEU B 163 -2.12 12.82 -8.15
N ASN B 164 -2.05 13.39 -9.37
CA ASN B 164 -2.28 14.80 -9.57
C ASN B 164 -3.14 14.93 -10.81
N ASP B 165 -4.33 15.52 -10.68
CA ASP B 165 -5.21 15.77 -11.81
C ASP B 165 -5.51 14.49 -12.58
N GLY B 166 -5.65 13.37 -11.86
CA GLY B 166 -5.97 12.09 -12.46
C GLY B 166 -4.80 11.42 -13.17
N VAL B 167 -3.59 11.98 -13.01
CA VAL B 167 -2.37 11.42 -13.57
C VAL B 167 -1.53 10.84 -12.46
N LEU B 168 -1.06 9.61 -12.68
CA LEU B 168 -0.22 8.90 -11.74
C LEU B 168 1.25 9.17 -12.08
N TRP B 169 2.00 9.60 -11.07
CA TRP B 169 3.39 9.95 -11.19
C TRP B 169 4.27 9.05 -10.35
N ASP B 170 5.42 8.65 -10.92
CA ASP B 170 6.51 8.08 -10.16
C ASP B 170 7.37 9.23 -9.64
N VAL B 171 7.39 9.39 -8.32
CA VAL B 171 8.07 10.51 -7.70
C VAL B 171 9.58 10.43 -7.95
N ARG B 172 10.14 9.24 -7.83
CA ARG B 172 11.58 9.04 -7.89
C ARG B 172 12.13 9.47 -9.24
N SER B 173 11.39 9.21 -10.33
CA SER B 173 11.83 9.53 -11.68
C SER B 173 11.19 10.82 -12.18
N ALA B 174 10.19 11.29 -11.44
CA ALA B 174 9.43 12.49 -11.77
C ALA B 174 8.81 12.36 -13.17
N GLN B 175 8.37 11.14 -13.51
CA GLN B 175 7.75 10.86 -14.80
C GLN B 175 6.33 10.37 -14.58
N ALA B 176 5.41 10.77 -15.47
CA ALA B 176 4.06 10.27 -15.45
C ALA B 176 4.05 8.80 -15.89
N ILE B 177 3.39 7.95 -15.09
CA ILE B 177 3.21 6.54 -15.36
C ILE B 177 1.95 6.32 -16.21
N HIS B 178 0.87 7.03 -15.87
CA HIS B 178 -0.41 6.74 -16.50
C HIS B 178 -1.37 7.89 -16.23
N LYS B 179 -2.11 8.26 -17.29
CA LYS B 179 -3.23 9.16 -17.17
C LYS B 179 -4.53 8.35 -17.11
N PHE B 180 -5.32 8.57 -16.05
CA PHE B 180 -6.67 8.02 -16.02
C PHE B 180 -7.61 9.00 -16.72
N ASP B 181 -8.54 8.48 -17.51
CA ASP B 181 -9.40 9.33 -18.32
C ASP B 181 -10.46 10.01 -17.46
N LYS B 182 -10.99 11.11 -18.01
CA LYS B 182 -11.83 12.03 -17.26
C LYS B 182 -13.29 11.66 -17.44
N PHE B 183 -13.98 11.38 -16.33
CA PHE B 183 -15.42 11.09 -16.38
C PHE B 183 -16.23 12.00 -15.47
N ASN B 184 -15.61 13.06 -14.94
CA ASN B 184 -16.32 14.09 -14.19
C ASN B 184 -15.49 15.36 -14.28
N MET B 185 -16.07 16.46 -13.81
CA MET B 185 -15.48 17.77 -14.01
C MET B 185 -14.61 18.20 -12.83
N ASN B 186 -14.78 17.57 -11.66
CA ASN B 186 -14.34 18.17 -10.40
C ASN B 186 -13.30 17.34 -9.65
N ILE B 187 -13.61 16.06 -9.39
CA ILE B 187 -12.88 15.21 -8.46
C ILE B 187 -11.72 14.51 -9.17
N SER B 188 -10.51 14.66 -8.62
CA SER B 188 -9.28 14.14 -9.20
C SER B 188 -8.82 12.80 -8.60
N GLY B 189 -9.32 12.45 -7.41
CA GLY B 189 -9.14 11.12 -6.87
C GLY B 189 -8.08 11.01 -5.78
N VAL B 190 -8.07 9.83 -5.14
CA VAL B 190 -7.21 9.51 -4.02
C VAL B 190 -6.72 8.08 -4.15
N PHE B 191 -5.68 7.76 -3.37
CA PHE B 191 -5.23 6.38 -3.22
C PHE B 191 -6.01 5.70 -2.11
N HIS B 192 -6.40 4.46 -2.35
CA HIS B 192 -6.91 3.62 -1.27
C HIS B 192 -5.75 3.24 -0.36
N PRO B 193 -5.94 3.26 0.98
CA PRO B 193 -4.84 2.87 1.87
C PRO B 193 -4.32 1.44 1.71
N ASN B 194 -5.07 0.58 1.00
CA ASN B 194 -4.66 -0.79 0.77
C ASN B 194 -3.49 -0.85 -0.21
N GLY B 195 -3.22 0.26 -0.91
CA GLY B 195 -2.09 0.35 -1.80
C GLY B 195 -2.34 -0.26 -3.17
N LEU B 196 -3.55 -0.77 -3.43
CA LEU B 196 -3.81 -1.54 -4.63
C LEU B 196 -4.70 -0.81 -5.62
N GLU B 197 -5.39 0.23 -5.16
CA GLU B 197 -6.49 0.82 -5.90
C GLU B 197 -6.37 2.34 -5.86
N VAL B 198 -6.87 2.97 -6.94
CA VAL B 198 -7.02 4.39 -7.06
C VAL B 198 -8.51 4.66 -7.18
N ILE B 199 -9.02 5.59 -6.38
CA ILE B 199 -10.42 5.94 -6.36
C ILE B 199 -10.58 7.33 -6.97
N ILE B 200 -11.13 7.38 -8.19
CA ILE B 200 -11.29 8.65 -8.87
C ILE B 200 -12.78 8.85 -9.14
N ASN B 201 -13.41 9.62 -8.25
CA ASN B 201 -14.84 9.86 -8.32
C ASN B 201 -15.53 8.50 -8.21
N THR B 202 -16.30 8.10 -9.23
CA THR B 202 -17.04 6.85 -9.19
C THR B 202 -16.22 5.67 -9.69
N GLU B 203 -15.02 5.90 -10.23
CA GLU B 203 -14.23 4.83 -10.84
C GLU B 203 -13.17 4.33 -9.86
N ILE B 204 -13.14 2.99 -9.69
CA ILE B 204 -12.09 2.34 -8.94
C ILE B 204 -11.14 1.66 -9.94
N TRP B 205 -9.88 2.09 -9.93
CA TRP B 205 -8.88 1.62 -10.87
C TRP B 205 -7.87 0.75 -10.14
N ASP B 206 -7.39 -0.28 -10.82
CA ASP B 206 -6.25 -1.05 -10.37
C ASP B 206 -5.00 -0.20 -10.53
N LEU B 207 -4.26 0.03 -9.45
CA LEU B 207 -3.10 0.89 -9.49
C LEU B 207 -2.00 0.32 -10.39
N ARG B 208 -1.85 -1.00 -10.40
CA ARG B 208 -0.74 -1.65 -11.09
C ARG B 208 -1.05 -1.88 -12.56
N THR B 209 -2.25 -2.34 -12.91
CA THR B 209 -2.59 -2.67 -14.29
C THR B 209 -3.37 -1.54 -14.96
N PHE B 210 -3.96 -0.64 -14.18
CA PHE B 210 -4.73 0.49 -14.67
C PHE B 210 -6.12 0.06 -15.16
N HIS B 211 -6.49 -1.22 -15.01
CA HIS B 211 -7.81 -1.64 -15.42
C HIS B 211 -8.86 -1.11 -14.46
N LEU B 212 -10.05 -0.82 -15.02
CA LEU B 212 -11.22 -0.52 -14.21
C LEU B 212 -11.62 -1.77 -13.44
N LEU B 213 -11.83 -1.60 -12.13
CA LEU B 213 -12.22 -2.67 -11.24
C LEU B 213 -13.69 -2.58 -10.84
N HIS B 214 -14.17 -1.36 -10.60
CA HIS B 214 -15.51 -1.13 -10.13
C HIS B 214 -15.98 0.27 -10.50
N THR B 215 -17.31 0.42 -10.60
CA THR B 215 -17.96 1.71 -10.59
C THR B 215 -18.81 1.79 -9.33
N VAL B 216 -18.69 2.91 -8.64
CA VAL B 216 -19.37 3.10 -7.37
C VAL B 216 -20.18 4.40 -7.45
N PRO B 217 -21.45 4.35 -7.91
CA PRO B 217 -22.23 5.56 -8.12
C PRO B 217 -22.32 6.52 -6.93
N ALA B 218 -22.35 5.96 -5.72
CA ALA B 218 -22.57 6.78 -4.52
C ALA B 218 -21.37 7.66 -4.21
N LEU B 219 -20.22 7.43 -4.87
CA LEU B 219 -19.04 8.24 -4.61
C LEU B 219 -18.98 9.47 -5.51
N ASP B 220 -20.00 9.72 -6.33
CA ASP B 220 -19.98 10.86 -7.24
C ASP B 220 -19.86 12.17 -6.45
N GLN B 221 -18.86 12.97 -6.82
CA GLN B 221 -18.58 14.28 -6.25
C GLN B 221 -18.22 14.20 -4.77
N CYS B 222 -17.72 13.05 -4.31
CA CYS B 222 -17.38 12.92 -2.90
C CYS B 222 -15.91 13.16 -2.62
N ARG B 223 -15.66 13.79 -1.48
CA ARG B 223 -14.41 13.67 -0.78
C ARG B 223 -14.51 12.48 0.17
N VAL B 224 -13.39 11.82 0.39
CA VAL B 224 -13.38 10.62 1.20
C VAL B 224 -12.26 10.69 2.22
N VAL B 225 -12.49 9.99 3.33
CA VAL B 225 -11.45 9.76 4.31
C VAL B 225 -11.68 8.37 4.89
N PHE B 226 -10.59 7.68 5.24
CA PHE B 226 -10.64 6.33 5.76
C PHE B 226 -10.42 6.36 7.25
N ASN B 227 -11.03 5.40 7.95
CA ASN B 227 -10.65 5.16 9.33
C ASN B 227 -9.20 4.69 9.36
N HIS B 228 -8.62 4.65 10.56
CA HIS B 228 -7.18 4.46 10.71
C HIS B 228 -6.78 3.02 10.39
N THR B 229 -7.72 2.08 10.47
CA THR B 229 -7.47 0.69 10.13
C THR B 229 -7.67 0.46 8.63
N GLY B 230 -8.34 1.39 7.97
CA GLY B 230 -8.59 1.31 6.54
C GLY B 230 -9.69 0.31 6.18
N THR B 231 -10.65 0.10 7.09
CA THR B 231 -11.76 -0.83 6.84
C THR B 231 -13.04 -0.08 6.48
N VAL B 232 -13.10 1.23 6.79
CA VAL B 232 -14.29 2.03 6.55
C VAL B 232 -13.86 3.30 5.85
N MET B 233 -14.63 3.65 4.82
CA MET B 233 -14.44 4.90 4.10
C MET B 233 -15.66 5.79 4.33
N TYR B 234 -15.39 7.06 4.66
CA TYR B 234 -16.41 8.07 4.81
C TYR B 234 -16.39 8.94 3.56
N GLY B 235 -17.58 9.26 3.04
CA GLY B 235 -17.71 10.05 1.84
C GLY B 235 -18.81 11.09 2.01
N ALA B 236 -18.53 12.32 1.58
CA ALA B 236 -19.53 13.37 1.58
C ALA B 236 -19.49 14.07 0.24
N MET B 237 -20.67 14.35 -0.28
CA MET B 237 -20.79 14.93 -1.60
C MET B 237 -20.61 16.44 -1.51
N LEU B 238 -19.77 16.98 -2.39
CA LEU B 238 -19.62 18.42 -2.47
C LEU B 238 -20.95 19.06 -2.86
N GLN B 239 -21.15 20.32 -2.47
CA GLN B 239 -22.24 21.11 -3.02
C GLN B 239 -21.84 21.60 -4.41
N ALA B 240 -22.84 21.79 -5.28
CA ALA B 240 -22.64 22.40 -6.58
C ALA B 240 -22.27 23.88 -6.40
N ARG B 250 -18.73 35.20 4.38
CA ARG B 250 -18.55 33.74 4.61
C ARG B 250 -19.10 32.95 3.43
N MET B 251 -18.30 31.97 2.96
CA MET B 251 -18.71 31.10 1.88
C MET B 251 -19.63 30.00 2.42
N LYS B 252 -20.45 29.45 1.51
CA LYS B 252 -21.39 28.39 1.85
C LYS B 252 -20.61 27.10 2.11
N SER B 253 -21.33 26.07 2.55
CA SER B 253 -20.68 24.86 2.98
C SER B 253 -20.06 24.15 1.78
N PRO B 254 -18.87 23.56 1.95
CA PRO B 254 -18.31 22.71 0.89
C PRO B 254 -19.16 21.45 0.61
N PHE B 255 -19.85 20.93 1.63
CA PHE B 255 -20.61 19.71 1.45
C PHE B 255 -22.10 19.94 1.71
N GLY B 256 -22.88 18.92 1.36
CA GLY B 256 -24.28 18.88 1.73
C GLY B 256 -24.49 18.43 3.17
N SER B 257 -25.66 17.86 3.43
CA SER B 257 -26.10 17.66 4.80
C SER B 257 -26.03 16.19 5.19
N SER B 258 -25.34 15.37 4.40
CA SER B 258 -25.20 13.98 4.74
C SER B 258 -23.80 13.48 4.39
N PHE B 259 -23.39 12.43 5.09
CA PHE B 259 -22.24 11.66 4.66
C PHE B 259 -22.65 10.20 4.67
N ARG B 260 -21.82 9.38 4.04
CA ARG B 260 -22.04 7.95 3.90
CA ARG B 260 -22.06 7.95 3.99
C ARG B 260 -20.78 7.21 4.34
N THR B 261 -20.96 6.01 4.88
CA THR B 261 -19.84 5.12 5.15
C THR B 261 -19.95 3.95 4.17
N PHE B 262 -18.78 3.44 3.83
CA PHE B 262 -18.61 2.34 2.91
C PHE B 262 -17.63 1.34 3.48
N ASN B 263 -17.86 0.06 3.19
CA ASN B 263 -16.89 -0.97 3.49
C ASN B 263 -15.71 -0.76 2.55
N ALA B 264 -14.51 -0.56 3.11
CA ALA B 264 -13.37 -0.17 2.30
C ALA B 264 -12.86 -1.33 1.45
N THR B 265 -13.28 -2.57 1.75
CA THR B 265 -12.76 -3.72 1.03
C THR B 265 -13.57 -3.99 -0.23
N ASP B 266 -14.87 -3.64 -0.23
CA ASP B 266 -15.71 -3.97 -1.38
C ASP B 266 -16.52 -2.77 -1.88
N TYR B 267 -16.37 -1.61 -1.23
CA TYR B 267 -17.02 -0.37 -1.61
C TYR B 267 -18.54 -0.42 -1.45
N LYS B 268 -19.04 -1.38 -0.65
CA LYS B 268 -20.48 -1.46 -0.39
C LYS B 268 -20.84 -0.50 0.72
N PRO B 269 -21.91 0.31 0.57
CA PRO B 269 -22.34 1.21 1.66
C PRO B 269 -22.66 0.48 2.95
N ILE B 270 -22.35 1.13 4.07
CA ILE B 270 -22.67 0.65 5.41
C ILE B 270 -23.83 1.46 5.94
N ALA B 271 -23.75 2.80 5.83
CA ALA B 271 -24.76 3.69 6.42
C ALA B 271 -24.82 5.02 5.67
N THR B 272 -26.01 5.62 5.68
CA THR B 272 -26.19 7.00 5.26
C THR B 272 -26.57 7.80 6.50
N ILE B 273 -25.79 8.85 6.78
CA ILE B 273 -26.01 9.66 7.97
C ILE B 273 -26.49 11.03 7.50
N ASP B 274 -27.79 11.30 7.69
CA ASP B 274 -28.35 12.58 7.29
C ASP B 274 -28.43 13.47 8.53
N VAL B 275 -27.50 14.41 8.63
CA VAL B 275 -27.44 15.26 9.81
C VAL B 275 -28.45 16.41 9.68
N LYS B 276 -28.96 16.67 8.46
CA LYS B 276 -29.97 17.70 8.20
C LYS B 276 -29.44 19.11 8.50
N ARG B 277 -28.12 19.20 8.50
CA ARG B 277 -27.40 20.46 8.59
C ARG B 277 -26.21 20.36 7.63
N ASN B 278 -25.86 21.45 6.95
CA ASN B 278 -24.77 21.39 6.00
C ASN B 278 -23.44 21.15 6.71
N ILE B 279 -22.60 20.35 6.06
CA ILE B 279 -21.36 19.87 6.64
C ILE B 279 -20.20 20.63 6.03
N PHE B 280 -19.23 21.04 6.86
CA PHE B 280 -18.02 21.72 6.42
C PHE B 280 -16.81 20.77 6.43
N ASP B 281 -16.76 19.82 7.36
CA ASP B 281 -15.60 18.95 7.49
C ASP B 281 -15.96 17.82 8.46
N LEU B 282 -15.16 16.77 8.44
CA LEU B 282 -15.25 15.74 9.46
C LEU B 282 -13.88 15.10 9.66
N CYS B 283 -13.68 14.54 10.84
CA CYS B 283 -12.45 13.85 11.19
C CYS B 283 -12.75 12.78 12.24
N THR B 284 -11.88 11.76 12.33
CA THR B 284 -11.98 10.75 13.38
C THR B 284 -10.64 10.71 14.11
N ASP B 285 -10.71 10.13 15.32
CA ASP B 285 -9.52 9.92 16.14
C ASP B 285 -8.84 8.63 15.69
N THR B 286 -7.61 8.43 16.17
CA THR B 286 -6.78 7.29 15.83
C THR B 286 -7.51 5.99 16.13
N LYS B 287 -8.27 5.96 17.23
CA LYS B 287 -8.90 4.74 17.72
C LYS B 287 -10.26 4.51 17.04
N ASP B 288 -10.69 5.48 16.23
CA ASP B 288 -11.97 5.40 15.51
C ASP B 288 -13.11 5.24 16.52
N CYS B 289 -12.98 5.92 17.67
CA CYS B 289 -14.03 5.95 18.69
C CYS B 289 -14.90 7.20 18.58
N TYR B 290 -14.31 8.30 18.08
CA TYR B 290 -14.99 9.58 17.98
C TYR B 290 -14.96 10.06 16.54
N LEU B 291 -16.05 10.72 16.13
CA LEU B 291 -16.14 11.47 14.89
C LEU B 291 -16.48 12.91 15.25
N ALA B 292 -15.77 13.87 14.68
CA ALA B 292 -16.12 15.27 14.85
C ALA B 292 -16.58 15.82 13.50
N VAL B 293 -17.69 16.55 13.49
CA VAL B 293 -18.26 17.08 12.27
C VAL B 293 -18.53 18.56 12.46
N ILE B 294 -18.07 19.40 11.52
CA ILE B 294 -18.47 20.79 11.50
C ILE B 294 -19.80 20.91 10.77
N GLU B 295 -20.80 21.43 11.48
CA GLU B 295 -22.18 21.46 11.02
C GLU B 295 -22.74 22.86 11.19
N ASN B 296 -23.50 23.32 10.19
CA ASN B 296 -24.16 24.61 10.27
C ASN B 296 -25.50 24.46 11.00
N GLN B 297 -25.58 25.00 12.22
CA GLN B 297 -26.82 25.09 12.98
C GLN B 297 -27.74 26.22 12.48
N GLY B 298 -27.20 27.17 11.71
CA GLY B 298 -27.94 28.34 11.28
C GLY B 298 -28.64 28.15 9.94
N SER B 299 -28.99 29.27 9.30
CA SER B 299 -29.77 29.29 8.06
C SER B 299 -30.14 30.75 7.73
N ASN B 304 -26.22 34.64 9.16
CA ASN B 304 -27.02 33.64 9.92
C ASN B 304 -26.26 32.33 10.12
N MET B 305 -25.12 32.14 9.43
CA MET B 305 -24.36 30.91 9.56
C MET B 305 -23.87 30.76 11.00
N ASP B 306 -23.90 29.53 11.49
CA ASP B 306 -23.54 29.20 12.87
C ASP B 306 -22.94 27.80 12.86
N THR B 307 -21.65 27.72 12.55
CA THR B 307 -21.01 26.43 12.29
C THR B 307 -20.27 25.97 13.54
N VAL B 308 -20.79 24.89 14.12
CA VAL B 308 -20.29 24.32 15.36
C VAL B 308 -19.62 22.98 15.05
N CYS B 309 -18.92 22.47 16.06
CA CYS B 309 -18.30 21.17 15.96
C CYS B 309 -19.08 20.19 16.84
N ARG B 310 -19.74 19.23 16.19
CA ARG B 310 -20.51 18.23 16.91
C ARG B 310 -19.69 16.95 16.99
N LEU B 311 -19.56 16.40 18.21
CA LEU B 311 -18.76 15.22 18.45
C LEU B 311 -19.71 14.02 18.57
N TYR B 312 -19.38 12.93 17.89
CA TYR B 312 -20.18 11.73 17.89
C TYR B 312 -19.37 10.53 18.38
N GLU B 313 -20.05 9.59 19.02
CA GLU B 313 -19.54 8.26 19.28
C GLU B 313 -19.71 7.42 18.02
N VAL B 314 -18.64 6.77 17.57
CA VAL B 314 -18.69 5.87 16.44
C VAL B 314 -19.19 4.52 16.94
N GLY B 315 -20.36 4.10 16.45
CA GLY B 315 -20.98 2.87 16.90
C5 A1API C . 11.61 -14.82 -2.77
C6 A1API C . 12.74 -13.82 -2.89
C7 A1API C . 13.76 -13.81 -1.95
C8 A1API C . 14.71 -12.81 -1.98
C10 A1API C . 14.64 -11.82 -2.93
C13 A1API C . 12.70 -12.81 -3.85
C15 A1API C . 9.32 -15.12 -1.82
C20 A1API C . 13.80 -20.32 -1.66
C21 A1API C . 14.28 -21.64 -1.79
C22 A1API C . 14.92 -22.37 -0.91
C26 A1API C . 18.22 -25.54 -0.19
C28 A1API C . 20.03 -24.36 -1.23
C1 A1API C . 12.94 -18.27 -2.11
C2 A1API C . 12.42 -17.11 -2.86
O3 A1API C . 12.39 -17.10 -4.09
N4 A1API C . 12.04 -16.06 -2.13
CL9 A1API C . 16.01 -12.85 -0.83
F11 A1API C . 15.53 -10.80 -2.90
C12 A1API C . 13.64 -11.81 -3.87
C14 A1API C . 10.50 -14.19 -1.96
O16 A1API C . 8.65 -15.42 -2.81
N17 A1API C . 9.09 -15.59 -0.61
C18 A1API C . 13.13 -18.39 -0.76
N19 A1API C . 13.65 -19.60 -0.49
C23 A1API C . 15.42 -23.73 -1.20
N24 A1API C . 16.10 -24.28 -0.19
C25 A1API C . 16.71 -25.61 -0.29
O27 A1API C . 18.65 -24.33 -0.81
O29 A1API C . 15.26 -24.29 -2.29
C30 A1API C . 13.38 -19.52 -2.69
C31 A1API C . 13.45 -19.90 -4.10
C32 A1API C . 12.31 -20.19 -4.83
F33 A1API C . 11.11 -20.10 -4.20
C34 A1API C . 12.34 -20.56 -6.15
C35 A1API C . 13.58 -20.65 -6.75
CL36 A1API C . 13.68 -21.12 -8.42
C37 A1API C . 14.75 -20.38 -6.07
C38 A1API C . 14.68 -20.01 -4.74
C5 A1API D . -12.24 15.80 4.28
C6 A1API D . -13.58 15.11 4.15
C7 A1API D . -14.71 15.72 4.63
C8 A1API D . -15.91 15.03 4.67
C10 A1API D . -15.97 13.73 4.24
C13 A1API D . -13.65 13.78 3.70
C15 A1API D . -10.27 16.10 5.73
C20 A1API D . -12.90 21.44 2.38
C21 A1API D . -12.92 22.60 1.56
C22 A1API D . -13.50 23.73 1.79
C26 A1API D . -15.81 27.44 0.27
C28 A1API D . -16.48 25.76 -1.31
C1 A1API D . -12.59 19.33 3.10
C2 A1API D . -12.30 17.91 3.06
O3 A1API D . -11.99 17.36 1.99
N4 A1API D . -12.39 17.26 4.20
CL9 A1API D . -17.33 15.85 5.23
F11 A1API D . -17.11 13.03 4.35
C12 A1API D . -14.85 13.09 3.75
C14 A1API D . -11.61 15.42 5.60
O16 A1API D . -9.37 15.84 4.94
N17 A1API D . -10.16 17.02 6.68
C18 A1API D . -13.08 20.10 4.14
N19 A1API D . -13.28 21.36 3.70
C23 A1API D . -13.47 24.86 0.85
N24 A1API D . -14.17 25.92 1.24
C25 A1API D . -14.35 27.11 0.42
O27 A1API D . -16.54 26.23 0.04
O29 A1API D . -12.83 24.83 -0.22
C30 A1API D . -12.48 20.21 1.97
C31 A1API D . -12.07 19.92 0.59
C32 A1API D . -10.75 19.68 0.26
F33 A1API D . -9.83 19.73 1.24
C34 A1API D . -10.34 19.44 -1.02
C35 A1API D . -11.29 19.47 -2.02
CL36 A1API D . -10.81 19.14 -3.65
C37 A1API D . -12.61 19.71 -1.75
C38 A1API D . -13.00 19.94 -0.45
#